data_8HLL
#
_entry.id   8HLL
#
_cell.length_a   46.870
_cell.length_b   70.480
_cell.length_c   126.980
_cell.angle_alpha   90.00
_cell.angle_beta   90.00
_cell.angle_gamma   90.00
#
_symmetry.space_group_name_H-M   'P 21 21 21'
#
loop_
_entity.id
_entity.type
_entity.pdbx_description
1 polymer 'Cellular tumor antigen p53'
2 polymer 'Apoptosis regulator Bcl-2'
3 non-polymer 'ZINC ION'
4 water water
#
loop_
_entity_poly.entity_id
_entity_poly.type
_entity_poly.pdbx_seq_one_letter_code
_entity_poly.pdbx_strand_id
1 'polypeptide(L)'
;SSVPSQKTYQGSYGFRLGFLHSGTAKSVTCTYSPALNKMFCQLAKTCPVQLWVDSTPPPGTRVRAMAIYKQSQHMTEVVR
RCPHHERCSDSDGLAPPQHLIRVEGNLRVEYLDDRNTFRHSVVVPYEPPEVGSDCTTIHYNYMCNSSCMGGMNRRPILTI
ITLEDSSGNLLGRNSFEVRVCACPGRDRRTEEENLR
;
A
2 'polypeptide(L)'
;GPSQDNREIVMKYISYKLSQRGYEWDAGDVEENRTEAPEGTESEVVHQTLRQAGDDFSLRYRRDFAEMSSQLHLTPGTAY
ASFATVVEELFRDGVNWGRIVAFFEFGGVMCVESVNREMSVLVDNIAAWMATYLNDHLHTWIQDNGGWDAFVELYGNNGG
GGSLVPRGSGGGG
;
B
#
loop_
_chem_comp.id
_chem_comp.type
_chem_comp.name
_chem_comp.formula
ZN non-polymer 'ZINC ION' 'Zn 2'
#
# COMPACT_ATOMS: atom_id res chain seq x y z
N SER A 1 3.60 -21.74 17.87
CA SER A 1 4.77 -22.48 18.36
C SER A 1 5.73 -22.77 17.22
N SER A 2 5.21 -22.81 16.00
CA SER A 2 5.99 -23.13 14.83
C SER A 2 6.58 -21.87 14.20
N VAL A 3 7.48 -22.07 13.25
CA VAL A 3 8.16 -20.98 12.57
C VAL A 3 7.86 -21.07 11.08
N PRO A 4 7.63 -19.95 10.40
CA PRO A 4 7.55 -19.98 8.94
C PRO A 4 8.82 -20.56 8.35
N SER A 5 8.70 -21.08 7.13
CA SER A 5 9.81 -21.74 6.47
C SER A 5 10.55 -20.76 5.58
N GLN A 6 11.88 -20.85 5.60
CA GLN A 6 12.73 -20.03 4.75
C GLN A 6 13.13 -20.74 3.45
N LYS A 7 12.84 -22.04 3.33
CA LYS A 7 13.37 -22.86 2.26
C LYS A 7 12.96 -22.32 0.89
N THR A 8 13.95 -22.13 0.02
CA THR A 8 13.69 -21.70 -1.35
C THR A 8 12.82 -22.73 -2.08
N TYR A 9 11.93 -22.23 -2.94
CA TYR A 9 11.07 -23.10 -3.74
C TYR A 9 10.72 -22.35 -5.03
N GLN A 10 11.51 -22.61 -6.08
CA GLN A 10 11.26 -21.98 -7.38
C GLN A 10 9.93 -22.43 -7.99
N GLY A 11 9.41 -23.58 -7.58
CA GLY A 11 8.10 -24.08 -7.98
C GLY A 11 7.93 -24.28 -9.47
N SER A 12 6.67 -24.42 -9.88
CA SER A 12 6.35 -24.70 -11.28
C SER A 12 6.55 -23.50 -12.18
N TYR A 13 6.63 -22.29 -11.63
CA TYR A 13 6.74 -21.08 -12.43
C TYR A 13 8.14 -20.48 -12.43
N GLY A 14 9.11 -21.14 -11.79
CA GLY A 14 10.49 -20.69 -11.82
C GLY A 14 10.71 -19.37 -11.10
N PHE A 15 10.21 -19.29 -9.86
CA PHE A 15 10.17 -18.04 -9.12
C PHE A 15 11.56 -17.70 -8.57
N ARG A 16 12.03 -16.48 -8.85
CA ARG A 16 13.34 -16.04 -8.39
C ARG A 16 13.31 -14.55 -8.12
N LEU A 17 14.05 -14.13 -7.10
CA LEU A 17 14.11 -12.74 -6.67
C LEU A 17 15.27 -12.01 -7.35
N GLY A 18 15.07 -10.70 -7.57
CA GLY A 18 16.11 -9.86 -8.12
C GLY A 18 16.17 -8.55 -7.37
N PHE A 19 17.29 -7.84 -7.57
CA PHE A 19 17.51 -6.57 -6.89
C PHE A 19 18.29 -5.65 -7.81
N LEU A 20 18.20 -4.35 -7.52
CA LEU A 20 18.92 -3.35 -8.32
C LEU A 20 20.42 -3.42 -8.02
N HIS A 21 21.21 -3.00 -9.01
CA HIS A 21 22.66 -3.00 -8.90
C HIS A 21 23.19 -1.73 -8.26
N SER A 22 22.54 -1.24 -7.21
CA SER A 22 23.02 -0.04 -6.52
C SER A 22 24.28 -0.36 -5.73
N GLY A 23 25.23 0.56 -5.77
CA GLY A 23 26.48 0.40 -5.06
C GLY A 23 26.36 0.78 -3.59
N THR A 24 27.53 0.84 -2.94
CA THR A 24 27.61 1.19 -1.53
C THR A 24 28.07 2.62 -1.31
N ALA A 25 27.92 3.48 -2.32
CA ALA A 25 28.26 4.89 -2.15
C ALA A 25 27.45 5.52 -1.03
N LYS A 26 28.04 6.51 -0.37
CA LYS A 26 27.41 7.12 0.79
C LYS A 26 26.07 7.73 0.42
N SER A 27 25.20 7.86 1.44
CA SER A 27 23.87 8.44 1.31
C SER A 27 22.97 7.65 0.38
N VAL A 28 23.29 6.37 0.15
CA VAL A 28 22.43 5.49 -0.63
C VAL A 28 21.30 4.99 0.27
N THR A 29 20.06 5.09 -0.22
CA THR A 29 18.91 4.81 0.62
C THR A 29 18.67 3.33 0.82
N CYS A 30 18.99 2.49 -0.17
CA CYS A 30 18.76 1.06 -0.08
C CYS A 30 19.66 0.36 -1.08
N THR A 31 20.41 -0.64 -0.62
CA THR A 31 21.34 -1.36 -1.47
C THR A 31 21.37 -2.83 -1.07
N TYR A 32 21.66 -3.69 -2.04
CA TYR A 32 21.64 -5.13 -1.84
C TYR A 32 23.04 -5.70 -2.07
N SER A 33 23.42 -6.65 -1.24
CA SER A 33 24.71 -7.31 -1.38
C SER A 33 24.51 -8.76 -1.80
N PRO A 34 24.91 -9.14 -3.02
CA PRO A 34 24.72 -10.54 -3.44
C PRO A 34 25.47 -11.53 -2.57
N ALA A 35 26.70 -11.20 -2.16
CA ALA A 35 27.53 -12.16 -1.43
C ALA A 35 26.93 -12.52 -0.08
N LEU A 36 26.18 -11.60 0.53
CA LEU A 36 25.56 -11.86 1.82
C LEU A 36 24.07 -12.17 1.74
N ASN A 37 23.46 -12.03 0.55
CA ASN A 37 22.01 -12.17 0.41
C ASN A 37 21.29 -11.23 1.37
N LYS A 38 21.86 -10.05 1.57
CA LYS A 38 21.42 -9.13 2.61
C LYS A 38 21.17 -7.75 2.03
N MET A 39 19.94 -7.27 2.17
CA MET A 39 19.58 -5.92 1.77
C MET A 39 19.81 -4.97 2.95
N PHE A 40 20.31 -3.77 2.64
CA PHE A 40 20.53 -2.72 3.62
C PHE A 40 19.70 -1.51 3.21
N CYS A 41 18.91 -0.98 4.15
CA CYS A 41 18.04 0.15 3.87
C CYS A 41 17.93 1.04 5.11
N GLN A 42 17.29 2.19 4.93
CA GLN A 42 16.96 3.06 6.05
C GLN A 42 15.45 3.27 6.09
N LEU A 43 14.95 3.56 7.29
CA LEU A 43 13.52 3.59 7.58
C LEU A 43 12.73 4.37 6.53
N ALA A 44 11.62 3.78 6.09
CA ALA A 44 10.58 4.37 5.26
C ALA A 44 11.02 4.66 3.83
N LYS A 45 12.23 4.29 3.43
CA LYS A 45 12.65 4.50 2.05
C LYS A 45 12.27 3.30 1.19
N THR A 46 11.98 3.56 -0.07
CA THR A 46 11.57 2.52 -1.00
C THR A 46 12.72 1.55 -1.27
N CYS A 47 12.47 0.26 -1.04
CA CYS A 47 13.40 -0.80 -1.41
C CYS A 47 12.79 -1.62 -2.53
N PRO A 48 13.26 -1.47 -3.77
CA PRO A 48 12.67 -2.24 -4.87
C PRO A 48 13.05 -3.71 -4.77
N VAL A 49 12.05 -4.58 -4.84
CA VAL A 49 12.25 -6.02 -4.97
C VAL A 49 11.54 -6.45 -6.24
N GLN A 50 12.30 -7.00 -7.19
CA GLN A 50 11.72 -7.48 -8.44
C GLN A 50 11.50 -8.98 -8.37
N LEU A 51 10.40 -9.43 -8.97
CA LEU A 51 10.05 -10.84 -9.04
C LEU A 51 10.30 -11.33 -10.45
N TRP A 52 11.18 -12.32 -10.58
CA TRP A 52 11.51 -12.91 -11.87
C TRP A 52 10.84 -14.29 -11.97
N VAL A 53 10.29 -14.57 -13.15
CA VAL A 53 9.41 -15.71 -13.36
C VAL A 53 9.69 -16.30 -14.73
N ASP A 54 9.70 -17.63 -14.82
CA ASP A 54 9.87 -18.30 -16.09
C ASP A 54 8.55 -18.56 -16.80
N SER A 55 7.46 -18.70 -16.05
CA SER A 55 6.14 -19.00 -16.58
C SER A 55 5.12 -18.19 -15.82
N THR A 56 4.40 -17.31 -16.50
CA THR A 56 3.57 -16.33 -15.81
C THR A 56 2.44 -17.00 -15.04
N PRO A 57 2.36 -16.81 -13.73
CA PRO A 57 1.33 -17.47 -12.93
C PRO A 57 -0.06 -17.04 -13.37
N PRO A 58 -1.09 -17.81 -13.06
CA PRO A 58 -2.45 -17.46 -13.48
C PRO A 58 -2.95 -16.25 -12.72
N PRO A 59 -3.97 -15.56 -13.22
CA PRO A 59 -4.55 -14.43 -12.48
C PRO A 59 -5.15 -14.89 -11.16
N GLY A 60 -5.12 -13.99 -10.18
CA GLY A 60 -5.46 -14.33 -8.82
C GLY A 60 -4.28 -14.72 -7.96
N THR A 61 -3.07 -14.68 -8.49
CA THR A 61 -1.88 -15.00 -7.72
C THR A 61 -1.51 -13.83 -6.82
N ARG A 62 -0.91 -14.15 -5.67
CA ARG A 62 -0.63 -13.15 -4.66
C ARG A 62 0.86 -13.21 -4.28
N VAL A 63 1.37 -12.07 -3.85
CA VAL A 63 2.76 -11.92 -3.41
C VAL A 63 2.73 -11.46 -1.97
N ARG A 64 3.20 -12.31 -1.06
CA ARG A 64 3.20 -12.03 0.37
C ARG A 64 4.63 -11.77 0.85
N ALA A 65 4.75 -10.88 1.83
CA ALA A 65 6.02 -10.55 2.46
C ALA A 65 5.89 -10.72 3.98
N MET A 66 6.89 -11.34 4.59
CA MET A 66 6.86 -11.61 6.02
C MET A 66 8.28 -11.64 6.56
N ALA A 67 8.46 -11.05 7.75
CA ALA A 67 9.74 -11.01 8.41
C ALA A 67 9.82 -12.06 9.51
N ILE A 68 11.00 -12.66 9.66
CA ILE A 68 11.32 -13.58 10.73
C ILE A 68 12.71 -13.21 11.26
N TYR A 69 12.94 -13.54 12.52
CA TYR A 69 14.28 -13.36 13.09
C TYR A 69 15.19 -14.47 12.61
N LYS A 70 16.48 -14.14 12.42
CA LYS A 70 17.40 -15.08 11.77
C LYS A 70 17.97 -16.08 12.75
N GLN A 71 18.42 -15.62 13.91
CA GLN A 71 19.04 -16.51 14.88
C GLN A 71 18.00 -17.46 15.48
N SER A 72 18.35 -18.75 15.55
CA SER A 72 17.43 -19.76 16.06
C SER A 72 16.93 -19.46 17.46
N GLN A 73 17.64 -18.62 18.21
CA GLN A 73 17.20 -18.23 19.54
C GLN A 73 15.90 -17.44 19.49
N HIS A 74 15.69 -16.65 18.44
CA HIS A 74 14.57 -15.72 18.37
C HIS A 74 13.60 -15.99 17.23
N MET A 75 13.73 -17.13 16.55
CA MET A 75 12.86 -17.38 15.40
C MET A 75 11.39 -17.54 15.80
N THR A 76 11.12 -17.94 17.04
CA THR A 76 9.76 -18.14 17.50
C THR A 76 9.07 -16.84 17.96
N GLU A 77 9.78 -15.72 17.94
CA GLU A 77 9.21 -14.43 18.34
C GLU A 77 8.72 -13.67 17.11
N VAL A 78 7.53 -13.07 17.24
CA VAL A 78 6.94 -12.34 16.13
C VAL A 78 7.67 -11.02 15.92
N VAL A 79 7.99 -10.71 14.66
CA VAL A 79 8.71 -9.50 14.32
C VAL A 79 7.70 -8.36 14.23
N ARG A 80 7.73 -7.45 15.19
CA ARG A 80 6.83 -6.31 15.25
C ARG A 80 7.63 -5.04 15.48
N ARG A 81 6.96 -3.91 15.32
CA ARG A 81 7.62 -2.61 15.42
C ARG A 81 7.79 -2.21 16.87
N CYS A 82 8.79 -1.36 17.12
CA CYS A 82 9.03 -0.85 18.45
C CYS A 82 7.78 -0.13 18.96
N PRO A 83 7.68 0.07 20.27
CA PRO A 83 6.60 0.92 20.81
C PRO A 83 6.69 2.36 20.37
N HIS A 84 7.89 2.89 20.16
CA HIS A 84 8.04 4.29 19.74
C HIS A 84 7.47 4.51 18.35
N HIS A 85 7.64 3.55 17.43
CA HIS A 85 7.16 3.71 16.07
C HIS A 85 5.72 3.23 15.89
N GLU A 86 5.21 2.39 16.78
CA GLU A 86 3.80 2.01 16.71
C GLU A 86 2.92 3.21 17.01
N ARG A 87 3.19 3.91 18.12
CA ARG A 87 2.44 5.12 18.45
C ARG A 87 2.86 6.31 17.60
N CYS A 88 4.04 6.26 16.98
CA CYS A 88 4.43 7.28 16.01
C CYS A 88 3.41 7.34 14.89
N SER A 89 2.94 8.56 14.61
CA SER A 89 1.90 8.78 13.60
C SER A 89 2.57 8.94 12.24
N ASP A 90 2.92 7.80 11.64
CA ASP A 90 3.49 7.76 10.30
C ASP A 90 2.63 6.95 9.35
N SER A 91 1.38 6.68 9.73
CA SER A 91 0.53 5.79 8.95
C SER A 91 0.07 6.47 7.67
N ASP A 92 0.04 5.68 6.58
CA ASP A 92 -0.44 6.15 5.29
C ASP A 92 -1.94 5.95 5.11
N GLY A 93 -2.64 5.48 6.14
CA GLY A 93 -4.04 5.16 6.04
C GLY A 93 -4.33 3.72 5.64
N LEU A 94 -3.37 3.03 5.04
CA LEU A 94 -3.58 1.67 4.56
C LEU A 94 -2.93 0.61 5.44
N ALA A 95 -1.80 0.92 6.09
CA ALA A 95 -1.05 -0.04 6.89
C ALA A 95 -1.35 0.13 8.36
N PRO A 96 -1.66 -0.94 9.08
CA PRO A 96 -1.82 -0.84 10.53
C PRO A 96 -0.51 -0.48 11.19
N PRO A 97 -0.53 0.26 12.31
CA PRO A 97 0.70 0.87 12.83
C PRO A 97 1.72 -0.13 13.36
N GLN A 98 1.32 -1.37 13.63
CA GLN A 98 2.24 -2.34 14.22
C GLN A 98 3.10 -3.05 13.19
N HIS A 99 2.71 -3.05 11.92
CA HIS A 99 3.43 -3.80 10.91
C HIS A 99 4.76 -3.14 10.58
N LEU A 100 5.78 -3.98 10.39
CA LEU A 100 7.12 -3.49 10.04
C LEU A 100 7.30 -3.30 8.54
N ILE A 101 6.78 -4.22 7.73
CA ILE A 101 6.86 -4.11 6.28
C ILE A 101 5.60 -3.45 5.75
N ARG A 102 5.77 -2.54 4.81
CA ARG A 102 4.67 -1.92 4.10
C ARG A 102 4.92 -2.03 2.61
N VAL A 103 3.89 -1.76 1.83
CA VAL A 103 4.00 -1.67 0.38
C VAL A 103 3.42 -0.32 -0.05
N GLU A 104 4.20 0.43 -0.81
CA GLU A 104 3.78 1.75 -1.27
C GLU A 104 3.39 1.70 -2.75
N GLY A 105 2.47 2.58 -3.12
CA GLY A 105 2.08 2.70 -4.51
C GLY A 105 1.22 1.58 -5.04
N ASN A 106 0.42 0.95 -4.20
CA ASN A 106 -0.48 -0.12 -4.64
C ASN A 106 -1.75 -0.04 -3.80
N LEU A 107 -2.84 0.44 -4.42
CA LEU A 107 -4.08 0.62 -3.70
C LEU A 107 -4.67 -0.71 -3.25
N ARG A 108 -4.37 -1.79 -3.97
CA ARG A 108 -4.93 -3.10 -3.67
C ARG A 108 -4.16 -3.85 -2.57
N VAL A 109 -3.28 -3.16 -1.85
CA VAL A 109 -2.51 -3.80 -0.79
C VAL A 109 -3.42 -4.20 0.37
N GLU A 110 -3.07 -5.32 1.01
CA GLU A 110 -3.76 -5.77 2.21
C GLU A 110 -2.77 -6.27 3.26
N TYR A 111 -3.13 -6.07 4.52
CA TYR A 111 -2.30 -6.41 5.66
C TYR A 111 -2.99 -7.48 6.48
N LEU A 112 -2.27 -8.53 6.83
CA LEU A 112 -2.81 -9.66 7.58
C LEU A 112 -2.17 -9.72 8.95
N ASP A 113 -3.00 -9.78 9.99
CA ASP A 113 -2.60 -10.14 11.34
C ASP A 113 -3.18 -11.52 11.58
N ASP A 114 -2.36 -12.56 11.40
CA ASP A 114 -2.88 -13.92 11.42
C ASP A 114 -3.48 -14.25 12.78
N ARG A 115 -4.74 -14.70 12.77
CA ARG A 115 -5.46 -14.98 14.01
C ARG A 115 -4.97 -16.23 14.73
N ASN A 116 -4.09 -17.01 14.11
CA ASN A 116 -3.49 -18.19 14.74
C ASN A 116 -2.01 -18.04 15.01
N THR A 117 -1.24 -17.46 14.08
CA THR A 117 0.19 -17.28 14.27
C THR A 117 0.56 -15.94 14.87
N PHE A 118 -0.33 -14.94 14.78
CA PHE A 118 -0.09 -13.57 15.23
C PHE A 118 1.10 -12.94 14.51
N ARG A 119 1.50 -13.50 13.37
CA ARG A 119 2.59 -12.95 12.59
C ARG A 119 2.04 -12.00 11.53
N HIS A 120 2.75 -10.89 11.32
CA HIS A 120 2.32 -9.89 10.35
C HIS A 120 2.75 -10.30 8.95
N SER A 121 1.98 -9.85 7.96
CA SER A 121 2.37 -10.01 6.57
C SER A 121 1.60 -9.00 5.73
N VAL A 122 2.13 -8.72 4.54
CA VAL A 122 1.53 -7.79 3.60
C VAL A 122 1.52 -8.44 2.22
N VAL A 123 0.40 -8.35 1.52
CA VAL A 123 0.22 -9.08 0.27
C VAL A 123 -0.45 -8.20 -0.75
N VAL A 124 0.03 -8.27 -1.99
CA VAL A 124 -0.54 -7.55 -3.12
C VAL A 124 -0.95 -8.57 -4.17
N PRO A 125 -1.80 -8.20 -5.13
CA PRO A 125 -2.06 -9.10 -6.24
C PRO A 125 -0.82 -9.23 -7.10
N TYR A 126 -0.58 -10.44 -7.62
CA TYR A 126 0.48 -10.60 -8.60
C TYR A 126 0.00 -10.09 -9.95
N GLU A 127 0.85 -9.32 -10.62
CA GLU A 127 0.57 -8.89 -11.97
C GLU A 127 1.80 -9.11 -12.83
N PRO A 128 1.64 -9.51 -14.09
CA PRO A 128 2.79 -9.74 -14.96
C PRO A 128 3.59 -8.45 -15.17
N PRO A 129 4.83 -8.56 -15.62
CA PRO A 129 5.64 -7.36 -15.85
C PRO A 129 4.98 -6.41 -16.84
N GLU A 130 5.36 -5.13 -16.75
CA GLU A 130 4.87 -4.14 -17.68
C GLU A 130 5.36 -4.47 -19.10
N VAL A 131 4.55 -4.10 -20.09
CA VAL A 131 4.88 -4.41 -21.48
C VAL A 131 6.24 -3.82 -21.82
N GLY A 132 7.13 -4.68 -22.33
CA GLY A 132 8.49 -4.30 -22.65
C GLY A 132 9.51 -4.67 -21.58
N SER A 133 9.08 -4.76 -20.32
CA SER A 133 9.97 -5.16 -19.25
C SER A 133 9.98 -6.67 -19.10
N ASP A 134 10.75 -7.18 -18.14
CA ASP A 134 10.91 -8.61 -17.97
C ASP A 134 10.60 -9.11 -16.57
N CYS A 135 10.32 -8.23 -15.61
CA CYS A 135 10.10 -8.66 -14.24
C CYS A 135 9.13 -7.73 -13.54
N THR A 136 8.41 -8.28 -12.57
CA THR A 136 7.48 -7.52 -11.75
C THR A 136 8.26 -6.90 -10.58
N THR A 137 8.17 -5.58 -10.43
CA THR A 137 8.88 -4.88 -9.39
C THR A 137 7.89 -4.43 -8.32
N ILE A 138 8.26 -4.63 -7.05
CA ILE A 138 7.46 -4.24 -5.90
C ILE A 138 8.32 -3.36 -5.01
N HIS A 139 7.71 -2.31 -4.46
CA HIS A 139 8.40 -1.35 -3.61
C HIS A 139 7.97 -1.58 -2.17
N TYR A 140 8.89 -2.09 -1.35
CA TYR A 140 8.63 -2.32 0.06
C TYR A 140 9.16 -1.18 0.90
N ASN A 141 8.62 -1.06 2.11
CA ASN A 141 9.08 -0.11 3.11
C ASN A 141 9.27 -0.83 4.43
N TYR A 142 10.37 -0.56 5.11
CA TYR A 142 10.62 -1.05 6.45
C TYR A 142 10.51 0.13 7.41
N MET A 143 9.60 0.01 8.39
CA MET A 143 9.15 1.14 9.18
C MET A 143 9.76 1.18 10.58
N CYS A 144 10.97 0.61 10.73
CA CYS A 144 11.64 0.52 12.02
C CYS A 144 13.05 -0.03 11.85
N ASN A 145 14.06 0.68 12.35
CA ASN A 145 15.43 0.22 12.19
C ASN A 145 15.71 -1.00 13.05
N SER A 146 16.60 -1.87 12.57
CA SER A 146 17.03 -3.01 13.37
C SER A 146 17.67 -2.57 14.68
N SER A 147 18.27 -1.38 14.69
CA SER A 147 18.90 -0.85 15.90
C SER A 147 17.88 -0.46 16.95
N CYS A 148 16.62 -0.24 16.56
CA CYS A 148 15.55 0.12 17.49
C CYS A 148 15.53 -0.80 18.70
N MET A 149 15.93 -0.29 19.86
CA MET A 149 15.76 -1.04 21.08
C MET A 149 14.29 -1.07 21.49
N GLY A 150 13.90 -2.14 22.16
CA GLY A 150 12.51 -2.36 22.50
C GLY A 150 11.72 -3.07 21.42
N GLY A 151 12.23 -3.10 20.19
CA GLY A 151 11.66 -3.92 19.14
C GLY A 151 12.65 -4.99 18.72
N MET A 152 13.22 -4.85 17.53
CA MET A 152 14.20 -5.82 17.06
C MET A 152 15.42 -5.88 17.98
N ASN A 153 15.95 -4.71 18.36
CA ASN A 153 17.04 -4.60 19.33
C ASN A 153 18.28 -5.40 18.89
N ARG A 154 18.82 -5.01 17.73
CA ARG A 154 20.08 -5.51 17.17
C ARG A 154 19.98 -6.93 16.58
N ARG A 155 18.78 -7.44 16.35
CA ARG A 155 18.63 -8.83 15.92
C ARG A 155 18.40 -8.88 14.42
N PRO A 156 19.28 -9.51 13.64
CA PRO A 156 19.06 -9.58 12.18
C PRO A 156 17.83 -10.39 11.83
N ILE A 157 17.16 -9.97 10.76
CA ILE A 157 15.91 -10.58 10.31
C ILE A 157 16.05 -10.95 8.84
N LEU A 158 15.12 -11.80 8.39
CA LEU A 158 14.99 -12.12 6.98
C LEU A 158 13.60 -11.74 6.51
N THR A 159 13.51 -11.33 5.24
CA THR A 159 12.23 -11.15 4.58
C THR A 159 11.94 -12.36 3.70
N ILE A 160 10.75 -12.93 3.83
CA ILE A 160 10.32 -14.07 3.05
C ILE A 160 9.25 -13.60 2.07
N ILE A 161 9.50 -13.77 0.77
CA ILE A 161 8.54 -13.46 -0.28
C ILE A 161 8.00 -14.77 -0.83
N THR A 162 6.67 -14.92 -0.84
CA THR A 162 6.03 -16.13 -1.33
C THR A 162 4.96 -15.83 -2.36
N LEU A 163 4.87 -16.68 -3.37
CA LEU A 163 3.76 -16.70 -4.32
C LEU A 163 2.73 -17.71 -3.84
N GLU A 164 1.45 -17.32 -3.83
CA GLU A 164 0.38 -18.22 -3.47
C GLU A 164 -0.81 -18.00 -4.40
N ASP A 165 -1.71 -18.98 -4.44
CA ASP A 165 -2.89 -18.89 -5.29
C ASP A 165 -3.99 -18.13 -4.54
N SER A 166 -5.20 -18.13 -5.12
CA SER A 166 -6.31 -17.39 -4.55
C SER A 166 -6.61 -17.78 -3.10
N SER A 167 -6.40 -19.06 -2.76
CA SER A 167 -6.70 -19.59 -1.43
C SER A 167 -5.48 -19.67 -0.53
N GLY A 168 -4.31 -19.28 -1.01
CA GLY A 168 -3.13 -19.23 -0.17
C GLY A 168 -2.27 -20.47 -0.15
N ASN A 169 -2.31 -21.28 -1.20
CA ASN A 169 -1.44 -22.45 -1.31
C ASN A 169 -0.12 -22.04 -1.94
N LEU A 170 0.97 -22.57 -1.39
CA LEU A 170 2.30 -22.13 -1.79
C LEU A 170 2.59 -22.47 -3.24
N LEU A 171 3.03 -21.47 -4.00
CA LEU A 171 3.50 -21.65 -5.36
C LEU A 171 4.99 -21.32 -5.52
N GLY A 172 5.59 -20.66 -4.53
CA GLY A 172 6.98 -20.27 -4.62
C GLY A 172 7.43 -19.52 -3.38
N ARG A 173 8.70 -19.68 -3.00
CA ARG A 173 9.23 -19.00 -1.84
C ARG A 173 10.67 -18.58 -2.06
N ASN A 174 11.01 -17.39 -1.56
CA ASN A 174 12.37 -16.90 -1.57
C ASN A 174 12.57 -15.99 -0.36
N SER A 175 13.84 -15.75 -0.03
CA SER A 175 14.17 -15.06 1.20
C SER A 175 15.47 -14.28 1.02
N PHE A 176 15.64 -13.25 1.84
CA PHE A 176 16.86 -12.47 1.87
C PHE A 176 16.94 -11.73 3.20
N GLU A 177 18.17 -11.52 3.66
CA GLU A 177 18.40 -10.81 4.91
C GLU A 177 18.19 -9.31 4.72
N VAL A 178 17.90 -8.62 5.83
CA VAL A 178 17.57 -7.20 5.82
C VAL A 178 18.20 -6.53 7.04
N ARG A 179 18.85 -5.38 6.83
CA ARG A 179 19.26 -4.51 7.91
C ARG A 179 18.76 -3.10 7.65
N VAL A 180 17.97 -2.57 8.57
CA VAL A 180 17.51 -1.19 8.52
C VAL A 180 18.38 -0.37 9.47
N CYS A 181 19.03 0.65 8.93
CA CYS A 181 20.06 1.37 9.65
C CYS A 181 20.14 2.80 9.11
N ALA A 182 21.01 3.61 9.73
CA ALA A 182 21.18 4.99 9.31
C ALA A 182 22.11 5.13 8.11
N CYS A 183 23.23 4.40 8.13
CA CYS A 183 24.22 4.43 7.05
C CYS A 183 24.28 3.06 6.41
N PRO A 184 23.43 2.78 5.40
CA PRO A 184 23.44 1.44 4.79
C PRO A 184 24.70 1.16 3.99
N GLY A 185 25.40 2.19 3.51
CA GLY A 185 26.64 1.99 2.78
C GLY A 185 27.78 1.55 3.66
N ARG A 186 28.16 2.40 4.62
CA ARG A 186 29.24 2.05 5.54
C ARG A 186 28.94 0.76 6.29
N ASP A 187 27.68 0.54 6.65
CA ASP A 187 27.32 -0.67 7.37
C ASP A 187 27.36 -1.90 6.47
N ARG A 188 27.15 -1.73 5.16
CA ARG A 188 27.27 -2.87 4.25
C ARG A 188 28.72 -3.27 4.06
N ARG A 189 29.57 -2.32 3.69
CA ARG A 189 31.00 -2.60 3.52
C ARG A 189 31.64 -3.09 4.80
N THR A 190 31.06 -2.77 5.95
CA THR A 190 31.54 -3.30 7.22
C THR A 190 31.21 -4.79 7.34
N GLU A 191 29.94 -5.15 7.20
CA GLU A 191 29.53 -6.54 7.33
C GLU A 191 30.16 -7.41 6.24
N GLU A 192 30.47 -6.82 5.09
CA GLU A 192 31.14 -7.57 4.03
C GLU A 192 32.58 -7.89 4.42
N GLU A 193 33.18 -7.08 5.29
CA GLU A 193 34.57 -7.31 5.70
C GLU A 193 34.68 -8.56 6.58
N ASN A 194 33.97 -8.56 7.71
CA ASN A 194 33.99 -9.71 8.61
C ASN A 194 33.36 -10.94 7.95
N PRO B 2 -27.98 14.52 9.20
CA PRO B 2 -26.75 13.73 9.26
C PRO B 2 -26.30 13.27 7.87
N SER B 3 -27.24 12.76 7.07
CA SER B 3 -26.93 12.43 5.68
C SER B 3 -26.63 13.69 4.87
N GLN B 4 -27.33 14.80 5.18
CA GLN B 4 -27.05 16.06 4.51
C GLN B 4 -25.67 16.60 4.86
N ASP B 5 -25.18 16.29 6.06
CA ASP B 5 -23.85 16.72 6.44
C ASP B 5 -22.77 16.03 5.61
N ASN B 6 -23.03 14.80 5.16
CA ASN B 6 -22.05 14.08 4.35
C ASN B 6 -22.16 14.44 2.88
N ARG B 7 -23.33 14.85 2.41
CA ARG B 7 -23.44 15.39 1.06
C ARG B 7 -22.54 16.61 0.90
N GLU B 8 -22.42 17.42 1.95
CA GLU B 8 -21.58 18.61 1.89
C GLU B 8 -20.11 18.26 1.70
N ILE B 9 -19.64 17.21 2.39
CA ILE B 9 -18.24 16.83 2.28
C ILE B 9 -17.90 16.43 0.84
N VAL B 10 -18.83 15.77 0.16
CA VAL B 10 -18.63 15.47 -1.25
C VAL B 10 -18.48 16.76 -2.05
N MET B 11 -19.47 17.65 -1.96
CA MET B 11 -19.49 18.84 -2.80
C MET B 11 -18.29 19.75 -2.52
N LYS B 12 -17.93 19.92 -1.24
CA LYS B 12 -16.78 20.74 -0.91
C LYS B 12 -15.49 20.12 -1.45
N TYR B 13 -15.36 18.80 -1.38
CA TYR B 13 -14.18 18.15 -1.91
C TYR B 13 -14.09 18.27 -3.43
N ILE B 14 -15.22 18.12 -4.12
CA ILE B 14 -15.21 18.22 -5.58
C ILE B 14 -15.01 19.67 -6.01
N SER B 15 -15.69 20.61 -5.34
CA SER B 15 -15.58 22.00 -5.73
C SER B 15 -14.15 22.51 -5.62
N TYR B 16 -13.43 22.12 -4.57
CA TYR B 16 -12.06 22.61 -4.42
C TYR B 16 -11.12 21.88 -5.37
N LYS B 17 -11.36 20.60 -5.62
CA LYS B 17 -10.56 19.88 -6.61
C LYS B 17 -10.72 20.51 -8.00
N LEU B 18 -11.96 20.80 -8.40
CA LEU B 18 -12.18 21.40 -9.70
C LEU B 18 -11.71 22.85 -9.75
N SER B 19 -11.74 23.54 -8.60
CA SER B 19 -11.24 24.91 -8.56
C SER B 19 -9.72 24.97 -8.59
N GLN B 20 -9.04 23.86 -8.25
CA GLN B 20 -7.60 23.81 -8.44
C GLN B 20 -7.23 23.90 -9.91
N ARG B 21 -8.06 23.35 -10.79
CA ARG B 21 -7.98 23.65 -12.20
C ARG B 21 -8.81 24.91 -12.46
N GLY B 22 -8.90 25.32 -13.73
CA GLY B 22 -9.59 26.56 -14.03
C GLY B 22 -11.08 26.54 -13.74
N TYR B 23 -11.71 25.37 -13.88
CA TYR B 23 -13.17 25.28 -13.84
C TYR B 23 -13.72 25.68 -12.48
N GLU B 24 -14.77 26.49 -12.49
CA GLU B 24 -15.51 26.86 -11.29
C GLU B 24 -16.85 26.16 -11.30
N TRP B 25 -17.23 25.61 -10.15
CA TRP B 25 -18.42 24.76 -10.10
C TRP B 25 -18.93 24.64 -8.66
N ASP B 26 -20.25 24.59 -8.52
CA ASP B 26 -20.94 24.02 -7.37
C ASP B 26 -22.43 23.99 -7.67
N ALA B 27 -23.11 23.02 -7.07
CA ALA B 27 -24.54 22.83 -7.27
C ALA B 27 -25.34 23.24 -6.04
N SER B 43 -14.69 21.60 11.74
CA SER B 43 -15.28 22.50 10.76
C SER B 43 -14.52 22.44 9.43
N GLU B 44 -14.01 23.59 8.99
CA GLU B 44 -13.26 23.62 7.73
C GLU B 44 -12.00 22.78 7.80
N VAL B 45 -11.48 22.51 9.01
CA VAL B 45 -10.24 21.77 9.15
C VAL B 45 -10.41 20.29 8.86
N VAL B 46 -11.64 19.76 8.97
CA VAL B 46 -11.89 18.39 8.56
C VAL B 46 -11.77 18.26 7.05
N HIS B 47 -12.26 19.26 6.31
CA HIS B 47 -12.05 19.30 4.87
C HIS B 47 -10.61 19.65 4.50
N GLN B 48 -9.87 20.30 5.41
CA GLN B 48 -8.49 20.64 5.11
C GLN B 48 -7.63 19.39 5.02
N THR B 49 -7.74 18.49 6.02
CA THR B 49 -6.91 17.29 6.01
C THR B 49 -7.33 16.32 4.92
N LEU B 50 -8.63 16.23 4.61
CA LEU B 50 -9.08 15.36 3.54
C LEU B 50 -8.47 15.77 2.21
N ARG B 51 -8.54 17.07 1.88
CA ARG B 51 -8.09 17.54 0.58
C ARG B 51 -6.59 17.33 0.39
N GLN B 52 -5.80 17.51 1.45
CA GLN B 52 -4.36 17.33 1.33
C GLN B 52 -4.00 15.85 1.27
N ALA B 53 -4.66 15.03 2.08
CA ALA B 53 -4.50 13.58 1.96
C ALA B 53 -4.81 13.14 0.54
N GLY B 54 -5.87 13.70 -0.05
CA GLY B 54 -6.24 13.33 -1.40
C GLY B 54 -5.23 13.79 -2.44
N ASP B 55 -4.65 14.98 -2.25
CA ASP B 55 -3.59 15.40 -3.14
C ASP B 55 -2.39 14.48 -3.05
N ASP B 56 -2.17 13.89 -1.87
CA ASP B 56 -1.08 12.92 -1.71
C ASP B 56 -1.38 11.65 -2.50
N PHE B 57 -2.64 11.24 -2.55
CA PHE B 57 -2.96 9.92 -3.10
C PHE B 57 -2.88 9.92 -4.62
N SER B 58 -3.12 11.05 -5.27
CA SER B 58 -3.05 11.10 -6.73
C SER B 58 -1.63 10.98 -7.25
N LEU B 59 -0.63 11.31 -6.43
CA LEU B 59 0.76 11.04 -6.81
C LEU B 59 1.11 9.57 -6.55
N ARG B 60 0.75 9.07 -5.37
CA ARG B 60 1.16 7.73 -4.96
C ARG B 60 0.46 6.64 -5.79
N TYR B 61 -0.77 6.87 -6.21
CA TYR B 61 -1.58 5.83 -6.84
C TYR B 61 -2.14 6.30 -8.17
N ARG B 62 -1.36 7.09 -8.92
CA ARG B 62 -1.82 7.57 -10.21
C ARG B 62 -2.15 6.41 -11.15
N ARG B 63 -1.36 5.33 -11.09
CA ARG B 63 -1.60 4.20 -11.98
C ARG B 63 -2.84 3.41 -11.58
N ASP B 64 -3.15 3.35 -10.29
CA ASP B 64 -4.36 2.67 -9.86
C ASP B 64 -5.60 3.46 -10.26
N PHE B 65 -5.58 4.78 -10.00
CA PHE B 65 -6.71 5.63 -10.41
C PHE B 65 -6.91 5.59 -11.91
N ALA B 66 -5.82 5.51 -12.67
CA ALA B 66 -5.94 5.37 -14.12
C ALA B 66 -6.60 4.07 -14.51
N GLU B 67 -6.27 2.97 -13.81
CA GLU B 67 -6.91 1.70 -14.08
C GLU B 67 -8.39 1.73 -13.71
N MET B 68 -8.71 2.27 -12.52
CA MET B 68 -10.11 2.36 -12.11
C MET B 68 -10.93 3.18 -13.10
N SER B 69 -10.31 4.17 -13.75
CA SER B 69 -11.03 4.98 -14.73
C SER B 69 -11.33 4.18 -15.98
N SER B 70 -10.33 3.47 -16.51
CA SER B 70 -10.51 2.76 -17.77
C SER B 70 -11.54 1.66 -17.65
N GLN B 71 -11.68 1.05 -16.47
CA GLN B 71 -12.71 0.04 -16.28
C GLN B 71 -14.09 0.65 -16.06
N LEU B 72 -14.17 1.93 -15.70
CA LEU B 72 -15.44 2.65 -15.62
C LEU B 72 -15.53 3.56 -16.84
N HIS B 73 -16.02 3.06 -17.95
CA HIS B 73 -16.15 3.86 -19.17
C HIS B 73 -17.11 4.94 -18.89
N LEU B 74 -16.61 6.11 -18.77
CA LEU B 74 -17.35 7.26 -18.26
C LEU B 74 -17.95 7.87 -19.50
N THR B 75 -19.23 7.65 -19.71
CA THR B 75 -20.02 8.21 -20.80
C THR B 75 -21.22 8.93 -20.22
N PRO B 76 -21.90 9.76 -21.01
CA PRO B 76 -23.16 10.36 -20.52
C PRO B 76 -24.17 9.35 -20.01
N GLY B 77 -24.21 8.14 -20.60
CA GLY B 77 -25.14 7.13 -20.18
C GLY B 77 -24.71 6.25 -19.03
N THR B 78 -23.53 6.50 -18.46
CA THR B 78 -23.02 5.67 -17.38
C THR B 78 -23.96 5.72 -16.17
N ALA B 79 -24.46 4.55 -15.77
CA ALA B 79 -25.35 4.46 -14.63
C ALA B 79 -24.55 4.45 -13.33
N TYR B 80 -25.27 4.64 -12.22
CA TYR B 80 -24.64 4.66 -10.91
C TYR B 80 -24.02 3.32 -10.56
N ALA B 81 -24.70 2.21 -10.92
CA ALA B 81 -24.23 0.89 -10.54
C ALA B 81 -22.82 0.63 -11.09
N SER B 82 -22.50 1.15 -12.27
CA SER B 82 -21.17 1.01 -12.82
C SER B 82 -20.13 1.68 -11.92
N PHE B 83 -20.48 2.85 -11.37
CA PHE B 83 -19.57 3.56 -10.48
C PHE B 83 -19.46 2.86 -9.13
N ALA B 84 -20.59 2.35 -8.63
CA ALA B 84 -20.57 1.62 -7.35
C ALA B 84 -19.85 0.29 -7.45
N THR B 85 -19.74 -0.29 -8.65
CA THR B 85 -18.99 -1.53 -8.80
C THR B 85 -17.50 -1.29 -8.62
N VAL B 86 -16.96 -0.26 -9.28
CA VAL B 86 -15.54 0.05 -9.16
C VAL B 86 -15.19 0.42 -7.73
N VAL B 87 -16.04 1.24 -7.09
CA VAL B 87 -15.75 1.67 -5.72
C VAL B 87 -15.91 0.51 -4.74
N GLU B 88 -16.84 -0.41 -5.00
CA GLU B 88 -17.00 -1.56 -4.09
C GLU B 88 -15.79 -2.48 -4.14
N GLU B 89 -15.12 -2.55 -5.28
CA GLU B 89 -13.87 -3.30 -5.35
C GLU B 89 -12.81 -2.69 -4.45
N LEU B 90 -12.85 -1.36 -4.28
CA LEU B 90 -11.86 -0.66 -3.47
C LEU B 90 -11.99 -1.03 -1.99
N PHE B 91 -13.20 -1.38 -1.53
CA PHE B 91 -13.42 -1.71 -0.13
C PHE B 91 -13.62 -3.21 0.09
N ARG B 92 -13.16 -4.05 -0.85
CA ARG B 92 -13.47 -5.47 -0.80
C ARG B 92 -12.90 -6.13 0.45
N ASP B 93 -11.69 -5.75 0.85
CA ASP B 93 -11.04 -6.34 2.01
C ASP B 93 -11.35 -5.61 3.31
N GLY B 94 -12.31 -4.68 3.28
CA GLY B 94 -12.63 -3.90 4.46
C GLY B 94 -12.48 -2.41 4.22
N VAL B 95 -13.07 -1.60 5.10
CA VAL B 95 -13.06 -0.15 4.97
C VAL B 95 -12.05 0.43 5.96
N ASN B 96 -11.16 1.29 5.47
CA ASN B 96 -10.25 2.05 6.32
C ASN B 96 -10.11 3.45 5.76
N TRP B 97 -9.45 4.33 6.54
CA TRP B 97 -9.33 5.73 6.16
C TRP B 97 -8.58 5.88 4.85
N GLY B 98 -7.54 5.07 4.64
CA GLY B 98 -6.79 5.14 3.39
C GLY B 98 -7.67 4.86 2.18
N ARG B 99 -8.46 3.79 2.25
CA ARG B 99 -9.35 3.49 1.13
C ARG B 99 -10.47 4.51 1.03
N ILE B 100 -10.88 5.11 2.15
CA ILE B 100 -11.88 6.17 2.08
C ILE B 100 -11.32 7.39 1.38
N VAL B 101 -10.05 7.71 1.63
CA VAL B 101 -9.42 8.85 0.95
C VAL B 101 -9.31 8.57 -0.55
N ALA B 102 -8.89 7.36 -0.92
CA ALA B 102 -8.86 6.98 -2.33
C ALA B 102 -10.22 7.14 -2.99
N PHE B 103 -11.29 6.85 -2.25
CA PHE B 103 -12.65 7.01 -2.76
C PHE B 103 -12.94 8.47 -3.11
N PHE B 104 -12.67 9.39 -2.18
CA PHE B 104 -12.87 10.80 -2.50
C PHE B 104 -11.96 11.24 -3.64
N GLU B 105 -10.71 10.80 -3.64
CA GLU B 105 -9.78 11.21 -4.68
C GLU B 105 -10.18 10.66 -6.04
N PHE B 106 -10.62 9.40 -6.09
CA PHE B 106 -11.06 8.83 -7.36
C PHE B 106 -12.26 9.58 -7.92
N GLY B 107 -13.24 9.88 -7.07
CA GLY B 107 -14.35 10.70 -7.52
C GLY B 107 -13.89 12.03 -8.10
N GLY B 108 -13.00 12.70 -7.37
CA GLY B 108 -12.46 13.96 -7.87
C GLY B 108 -11.72 13.80 -9.19
N VAL B 109 -10.98 12.71 -9.34
CA VAL B 109 -10.30 12.44 -10.61
C VAL B 109 -11.31 12.32 -11.74
N MET B 110 -12.46 11.69 -11.45
CA MET B 110 -13.49 11.53 -12.49
C MET B 110 -14.11 12.87 -12.88
N CYS B 111 -14.36 13.74 -11.90
CA CYS B 111 -14.90 15.06 -12.20
C CYS B 111 -13.90 15.89 -13.01
N VAL B 112 -12.62 15.83 -12.64
CA VAL B 112 -11.59 16.53 -13.42
C VAL B 112 -11.50 15.94 -14.82
N GLU B 113 -11.63 14.62 -14.94
CA GLU B 113 -11.54 14.00 -16.26
C GLU B 113 -12.72 14.37 -17.15
N SER B 114 -13.90 14.58 -16.56
CA SER B 114 -15.10 14.82 -17.36
C SER B 114 -15.09 16.21 -17.98
N VAL B 115 -14.77 17.24 -17.18
CA VAL B 115 -14.72 18.59 -17.73
C VAL B 115 -13.58 18.74 -18.73
N ASN B 116 -12.55 17.91 -18.62
CA ASN B 116 -11.48 17.92 -19.62
C ASN B 116 -11.89 17.27 -20.93
N ARG B 117 -13.02 16.57 -20.96
CA ARG B 117 -13.53 15.93 -22.16
C ARG B 117 -14.78 16.64 -22.70
N GLU B 118 -15.03 17.88 -22.26
CA GLU B 118 -16.19 18.66 -22.67
C GLU B 118 -17.50 17.97 -22.30
N MET B 119 -17.52 17.36 -21.12
CA MET B 119 -18.70 16.68 -20.57
C MET B 119 -18.96 17.15 -19.16
N SER B 120 -19.06 18.47 -18.98
CA SER B 120 -19.13 19.06 -17.64
C SER B 120 -20.37 18.60 -16.86
N VAL B 121 -21.45 18.25 -17.57
CA VAL B 121 -22.68 17.86 -16.89
C VAL B 121 -22.47 16.61 -16.04
N LEU B 122 -21.54 15.73 -16.44
CA LEU B 122 -21.29 14.50 -15.70
C LEU B 122 -20.77 14.74 -14.29
N VAL B 123 -20.29 15.96 -13.98
CA VAL B 123 -19.78 16.23 -12.63
C VAL B 123 -20.91 16.12 -11.61
N ASP B 124 -22.04 16.75 -11.90
CA ASP B 124 -23.19 16.69 -10.99
C ASP B 124 -23.60 15.25 -10.71
N ASN B 125 -23.44 14.36 -11.70
CA ASN B 125 -23.78 12.96 -11.49
C ASN B 125 -22.78 12.28 -10.55
N ILE B 126 -21.48 12.43 -10.82
CA ILE B 126 -20.46 11.80 -9.97
C ILE B 126 -20.63 12.24 -8.52
N ALA B 127 -20.96 13.51 -8.30
CA ALA B 127 -21.15 14.00 -6.94
C ALA B 127 -22.29 13.28 -6.26
N ALA B 128 -23.42 13.12 -6.95
CA ALA B 128 -24.55 12.37 -6.41
C ALA B 128 -24.14 10.93 -6.08
N TRP B 129 -23.45 10.28 -7.02
CA TRP B 129 -23.03 8.89 -6.80
C TRP B 129 -22.15 8.77 -5.57
N MET B 130 -21.21 9.70 -5.38
CA MET B 130 -20.32 9.65 -4.22
C MET B 130 -21.10 9.87 -2.93
N ALA B 131 -22.08 10.77 -2.95
CA ALA B 131 -22.87 11.03 -1.75
C ALA B 131 -23.69 9.80 -1.37
N THR B 132 -24.30 9.14 -2.36
CA THR B 132 -25.10 7.95 -2.09
C THR B 132 -24.23 6.83 -1.53
N TYR B 133 -23.12 6.52 -2.19
CA TYR B 133 -22.25 5.46 -1.69
C TYR B 133 -21.70 5.79 -0.32
N LEU B 134 -21.46 7.07 -0.03
CA LEU B 134 -20.95 7.46 1.27
C LEU B 134 -21.95 7.14 2.37
N ASN B 135 -23.21 7.55 2.21
CA ASN B 135 -24.20 7.31 3.24
C ASN B 135 -24.60 5.85 3.33
N ASP B 136 -24.62 5.15 2.20
CA ASP B 136 -25.18 3.80 2.20
C ASP B 136 -24.20 2.75 2.70
N HIS B 137 -22.89 3.01 2.63
CA HIS B 137 -21.93 1.95 2.92
C HIS B 137 -20.78 2.40 3.81
N LEU B 138 -20.36 3.65 3.69
CA LEU B 138 -19.20 4.10 4.45
C LEU B 138 -19.58 4.74 5.79
N HIS B 139 -20.78 5.33 5.89
CA HIS B 139 -21.08 6.16 7.06
C HIS B 139 -21.23 5.33 8.32
N THR B 140 -21.83 4.14 8.21
CA THR B 140 -21.97 3.29 9.39
C THR B 140 -20.60 2.90 9.95
N TRP B 141 -19.62 2.69 9.07
CA TRP B 141 -18.26 2.41 9.53
C TRP B 141 -17.61 3.65 10.13
N ILE B 142 -17.88 4.83 9.56
CA ILE B 142 -17.23 6.05 10.01
C ILE B 142 -17.62 6.36 11.45
N GLN B 143 -18.90 6.17 11.80
CA GLN B 143 -19.37 6.48 13.14
C GLN B 143 -18.79 5.51 14.18
N ASP B 144 -18.59 4.26 13.81
CA ASP B 144 -18.12 3.26 14.75
C ASP B 144 -16.61 3.28 14.95
N ASN B 145 -15.87 4.04 14.13
CA ASN B 145 -14.42 4.13 14.21
C ASN B 145 -13.94 5.51 14.66
N GLY B 146 -14.75 6.19 15.47
CA GLY B 146 -14.35 7.47 16.03
C GLY B 146 -14.78 8.69 15.26
N GLY B 147 -15.63 8.54 14.25
CA GLY B 147 -16.10 9.69 13.48
C GLY B 147 -15.00 10.34 12.67
N TRP B 148 -15.37 11.47 12.05
CA TRP B 148 -14.41 12.18 11.21
C TRP B 148 -13.30 12.82 12.03
N ASP B 149 -13.55 13.15 13.29
CA ASP B 149 -12.48 13.71 14.11
C ASP B 149 -11.49 12.66 14.58
N ALA B 150 -11.75 11.38 14.34
CA ALA B 150 -10.70 10.38 14.48
C ALA B 150 -9.76 10.40 13.29
N PHE B 151 -10.26 10.87 12.14
CA PHE B 151 -9.42 10.97 10.94
C PHE B 151 -8.47 12.16 11.04
N VAL B 152 -8.90 13.27 11.63
CA VAL B 152 -7.98 14.39 11.82
C VAL B 152 -6.93 14.06 12.88
N GLU B 153 -7.23 13.13 13.79
CA GLU B 153 -6.26 12.76 14.82
C GLU B 153 -5.12 11.92 14.29
N LEU B 154 -5.35 11.19 13.19
CA LEU B 154 -4.29 10.37 12.59
C LEU B 154 -3.59 11.03 11.42
N TYR B 155 -4.23 12.00 10.77
CA TYR B 155 -3.69 12.57 9.54
C TYR B 155 -3.91 14.09 9.48
ZN ZN C . 11.34 1.38 16.38
#